data_6M4M
#
_entry.id   6M4M
#
_cell.length_a   96.809
_cell.length_b   96.809
_cell.length_c   121.233
_cell.angle_alpha   90.000
_cell.angle_beta   90.000
_cell.angle_gamma   120.000
#
_symmetry.space_group_name_H-M   'P 32 2 1'
#
loop_
_entity.id
_entity.type
_entity.pdbx_description
1 polymer Alpha-amylase
2 branched alpha-D-glucopyranose-(1-4)-alpha-D-glucopyranose-(1-4)-alpha-D-glucopyranose-(1-4)-alpha-D-glucopyranose-(1-4)-alpha-D-glucopyranose-(1-4)-alpha-D-glucopyranose
3 branched alpha-D-glucopyranose-(1-4)-alpha-D-glucopyranose-(1-4)-alpha-D-glucopyranose-(1-4)-alpha-D-glucopyranose
4 non-polymer 'CALCIUM ION'
5 non-polymer 'CHLORIDE ION'
6 non-polymer 'SULFATE ION'
7 non-polymer 'TETRAETHYLENE GLYCOL'
8 non-polymer 'TRIETHYLENE GLYCOL'
9 water water
#
_entity_poly.entity_id   1
_entity_poly.type   'polypeptide(L)'
_entity_poly.pdbx_seq_one_letter_code
;EAEFQYFGSYYCQPGRDVIVHLFEWKWTDIERECQWLADHNYCGVQVSPPNEHRIVTDPPYPWWQRYQPVSYTMNSRSGS
ETQFRNMVTTCNNLGVYIYVDGVLNHMTGGGSGTGSDGNSFDGDSLQYPGVPYGPNDFHGSDDCSTSDGEIHDYNNPTEV
RNCRLSGLRDLDGSANYVRDVEAEFANRLIGWGVAGFRLDACKHMWPGDLEAILGRLNQLNTQWFPAGRNAYIYQQVIDL
GGEAVKATEYTYLGRVTEFKHGQNLGNVVRKNNGQRLANLVNFGEGWGQLSGFDALVFIDNHDNQRGHGAGGFGTILTFF
EANMYKIATAFELAWDYGHVRLMSSYNWPRNIVNGVDTNDWVGPPTNGGGDTKDVECFNGEWICEHRWREMYNMVRFHNV
AIGNPVSNWWDNGFQAIAFGRGNRGFIFINNEDFAITQTLQTGLPGGEYCDVISCDNNRPPCGNSGGACRATVIVNGDGT
ATFDVPNGENPMIAIHVFLEQKLISEEDLNSAVDHHHHHH
;
_entity_poly.pdbx_strand_id   A
#
# COMPACT_ATOMS: atom_id res chain seq x y z
N PHE A 4 -18.94 20.86 0.63
CA PHE A 4 -17.56 20.37 0.75
C PHE A 4 -17.42 18.98 0.12
N GLN A 5 -16.41 18.83 -0.73
CA GLN A 5 -16.24 17.64 -1.53
C GLN A 5 -15.59 16.52 -0.72
N TYR A 6 -15.84 15.30 -1.16
CA TYR A 6 -15.25 14.09 -0.61
C TYR A 6 -14.25 13.54 -1.61
N PHE A 7 -13.08 13.10 -1.12
CA PHE A 7 -11.98 12.72 -1.99
C PHE A 7 -11.63 11.24 -1.88
N GLY A 8 -12.48 10.43 -1.27
CA GLY A 8 -12.13 9.05 -1.01
C GLY A 8 -12.51 8.06 -2.09
N SER A 9 -12.89 8.52 -3.27
CA SER A 9 -13.30 7.65 -4.34
C SER A 9 -12.22 7.63 -5.42
N TYR A 10 -11.75 6.45 -5.75
CA TYR A 10 -10.71 6.37 -6.77
C TYR A 10 -11.36 6.21 -8.15
N TYR A 11 -10.51 6.23 -9.17
CA TYR A 11 -10.96 6.14 -10.56
C TYR A 11 -10.05 5.16 -11.30
N CYS A 12 -10.63 4.08 -11.81
CA CYS A 12 -9.88 3.08 -12.53
C CYS A 12 -10.56 2.75 -13.84
N GLN A 13 -9.77 2.29 -14.81
CA GLN A 13 -10.31 1.73 -16.02
C GLN A 13 -11.11 0.48 -15.68
N PRO A 14 -12.08 0.12 -16.53
CA PRO A 14 -12.88 -1.08 -16.27
C PRO A 14 -11.99 -2.31 -16.08
N GLY A 15 -12.34 -3.12 -15.08
CA GLY A 15 -11.63 -4.35 -14.83
C GLY A 15 -10.32 -4.19 -14.09
N ARG A 16 -10.01 -2.98 -13.62
CA ARG A 16 -8.80 -2.73 -12.84
C ARG A 16 -9.17 -2.09 -11.51
N ASP A 17 -8.36 -2.36 -10.49
N ASP A 17 -8.36 -2.36 -10.49
CA ASP A 17 -8.74 -1.94 -9.14
CA ASP A 17 -8.73 -1.97 -9.14
C ASP A 17 -7.57 -1.85 -8.17
C ASP A 17 -7.52 -1.82 -8.22
N VAL A 18 -6.64 -2.81 -8.22
CA VAL A 18 -5.58 -2.91 -7.22
C VAL A 18 -4.45 -1.93 -7.54
N ILE A 19 -3.85 -1.39 -6.46
N ILE A 19 -3.84 -1.36 -6.50
CA ILE A 19 -2.75 -0.42 -6.54
CA ILE A 19 -2.72 -0.46 -6.72
C ILE A 19 -1.47 -1.10 -6.06
C ILE A 19 -1.48 -1.01 -6.04
N VAL A 20 -0.32 -0.57 -6.53
CA VAL A 20 0.98 -1.09 -6.13
C VAL A 20 1.84 0.06 -5.64
N HIS A 21 2.50 -0.12 -4.50
CA HIS A 21 3.50 0.84 -4.01
C HIS A 21 4.84 0.44 -4.59
N LEU A 22 5.31 1.17 -5.60
CA LEU A 22 6.62 0.90 -6.22
C LEU A 22 7.66 1.72 -5.47
N PHE A 23 7.94 1.24 -4.26
CA PHE A 23 8.74 1.94 -3.27
C PHE A 23 10.16 2.18 -3.77
N GLU A 24 10.54 3.45 -3.87
CA GLU A 24 11.87 3.90 -4.33
C GLU A 24 12.18 3.54 -5.78
N TRP A 25 11.19 3.13 -6.58
CA TRP A 25 11.43 2.95 -8.00
C TRP A 25 11.67 4.31 -8.67
N LYS A 26 12.64 4.34 -9.60
CA LYS A 26 12.85 5.51 -10.43
C LYS A 26 11.70 5.70 -11.43
N TRP A 27 11.53 6.95 -11.87
CA TRP A 27 10.44 7.24 -12.80
C TRP A 27 10.59 6.48 -14.11
N THR A 28 11.82 6.35 -14.61
CA THR A 28 11.99 5.61 -15.87
C THR A 28 11.56 4.16 -15.70
N ASP A 29 11.78 3.59 -14.52
CA ASP A 29 11.39 2.19 -14.33
C ASP A 29 9.89 2.06 -14.16
N ILE A 30 9.26 3.01 -13.47
CA ILE A 30 7.80 2.95 -13.36
C ILE A 30 7.15 3.15 -14.73
N GLU A 31 7.67 4.09 -15.51
CA GLU A 31 7.16 4.30 -16.87
C GLU A 31 7.19 3.00 -17.67
N ARG A 32 8.29 2.26 -17.59
N ARG A 32 8.30 2.27 -17.63
CA ARG A 32 8.39 0.97 -18.29
CA ARG A 32 8.35 0.97 -18.30
C ARG A 32 7.47 -0.07 -17.67
C ARG A 32 7.35 0.01 -17.68
N GLU A 33 7.27 -0.03 -16.35
CA GLU A 33 6.44 -1.00 -15.67
C GLU A 33 4.96 -0.83 -15.98
N CYS A 34 4.55 0.37 -16.38
CA CYS A 34 3.13 0.59 -16.61
C CYS A 34 2.58 -0.31 -17.71
N GLN A 35 3.39 -0.70 -18.70
CA GLN A 35 2.88 -1.65 -19.68
C GLN A 35 2.60 -3.01 -19.04
N TRP A 36 3.54 -3.51 -18.24
CA TRP A 36 3.31 -4.77 -17.53
C TRP A 36 2.09 -4.64 -16.61
N LEU A 37 1.99 -3.52 -15.88
CA LEU A 37 0.86 -3.35 -14.96
C LEU A 37 -0.47 -3.31 -15.70
N ALA A 38 -0.51 -2.63 -16.83
CA ALA A 38 -1.75 -2.59 -17.62
C ALA A 38 -2.10 -3.98 -18.15
N ASP A 39 -1.10 -4.71 -18.66
CA ASP A 39 -1.36 -6.06 -19.16
C ASP A 39 -1.90 -6.97 -18.08
N HIS A 40 -1.58 -6.71 -16.81
CA HIS A 40 -2.05 -7.52 -15.70
C HIS A 40 -3.17 -6.83 -14.92
N ASN A 41 -3.73 -5.76 -15.48
CA ASN A 41 -4.95 -5.12 -15.00
C ASN A 41 -4.85 -4.66 -13.55
N TYR A 42 -3.70 -4.11 -13.21
CA TYR A 42 -3.58 -3.25 -12.04
C TYR A 42 -4.08 -1.85 -12.38
N CYS A 43 -4.63 -1.16 -11.37
CA CYS A 43 -5.19 0.17 -11.62
C CYS A 43 -4.19 1.31 -11.52
N GLY A 44 -3.17 1.21 -10.66
CA GLY A 44 -2.34 2.39 -10.46
C GLY A 44 -1.18 2.09 -9.54
N VAL A 45 -0.38 3.12 -9.32
CA VAL A 45 0.92 3.02 -8.66
C VAL A 45 1.05 4.15 -7.64
N GLN A 46 1.41 3.82 -6.41
CA GLN A 46 1.81 4.84 -5.45
C GLN A 46 3.31 5.05 -5.60
N VAL A 47 3.73 6.31 -5.83
CA VAL A 47 5.14 6.63 -6.07
C VAL A 47 5.72 7.32 -4.84
N SER A 48 7.01 7.07 -4.61
CA SER A 48 7.72 7.69 -3.50
C SER A 48 7.71 9.23 -3.64
N PRO A 49 7.91 9.95 -2.54
CA PRO A 49 7.81 11.41 -2.57
C PRO A 49 8.65 12.00 -3.70
N PRO A 50 8.03 12.73 -4.61
CA PRO A 50 8.73 13.19 -5.83
C PRO A 50 9.26 14.61 -5.75
N ASN A 51 8.98 15.33 -4.66
CA ASN A 51 9.46 16.69 -4.51
C ASN A 51 10.91 16.69 -4.05
N GLU A 52 11.51 17.87 -4.03
CA GLU A 52 12.88 17.97 -3.55
C GLU A 52 12.95 17.62 -2.07
N HIS A 53 13.83 16.69 -1.74
CA HIS A 53 13.96 16.15 -0.40
C HIS A 53 15.41 16.25 0.05
N ARG A 54 15.59 16.01 1.34
CA ARG A 54 16.92 16.01 1.93
C ARG A 54 17.79 14.94 1.29
N ILE A 55 19.09 15.24 1.19
CA ILE A 55 20.08 14.22 0.85
C ILE A 55 20.86 13.95 2.12
N VAL A 56 20.61 12.80 2.72
CA VAL A 56 21.25 12.40 3.97
C VAL A 56 22.44 11.52 3.60
N THR A 57 23.64 11.93 4.02
CA THR A 57 24.83 11.13 3.77
C THR A 57 25.34 10.41 5.01
N ASP A 58 24.80 10.69 6.19
CA ASP A 58 25.11 9.89 7.37
C ASP A 58 23.80 9.51 8.05
N PRO A 59 23.35 8.26 7.86
CA PRO A 59 23.96 7.17 7.09
C PRO A 59 23.78 7.41 5.59
N PRO A 60 24.43 6.61 4.75
CA PRO A 60 24.50 6.97 3.31
C PRO A 60 23.22 6.69 2.54
N TYR A 61 22.47 7.77 2.27
CA TYR A 61 21.34 7.79 1.35
C TYR A 61 20.23 6.84 1.80
N PRO A 62 19.72 7.00 3.02
CA PRO A 62 18.64 6.14 3.50
C PRO A 62 17.35 6.39 2.72
N TRP A 63 16.47 5.40 2.73
CA TRP A 63 15.17 5.63 2.09
C TRP A 63 14.45 6.81 2.75
N TRP A 64 14.63 6.99 4.05
CA TRP A 64 13.77 7.95 4.75
C TRP A 64 14.18 9.40 4.52
N GLN A 65 15.28 9.66 3.81
CA GLN A 65 15.57 11.04 3.42
C GLN A 65 14.44 11.64 2.60
N ARG A 66 13.64 10.82 1.89
CA ARG A 66 12.58 11.36 1.06
C ARG A 66 11.36 11.82 1.85
N TYR A 67 11.34 11.56 3.17
CA TYR A 67 10.27 12.06 4.03
C TYR A 67 10.67 13.32 4.78
N GLN A 68 11.75 13.98 4.32
CA GLN A 68 12.17 15.31 4.80
C GLN A 68 12.17 16.28 3.63
N PRO A 69 11.05 16.93 3.34
CA PRO A 69 10.99 17.85 2.20
C PRO A 69 11.92 19.04 2.38
N VAL A 70 12.52 19.45 1.27
CA VAL A 70 13.35 20.65 1.20
C VAL A 70 12.68 21.75 0.38
N SER A 71 11.96 21.38 -0.69
CA SER A 71 11.14 22.32 -1.44
C SER A 71 10.06 21.53 -2.19
N TYR A 72 9.29 22.25 -3.00
CA TYR A 72 8.28 21.58 -3.82
C TYR A 72 8.64 21.58 -5.30
N THR A 73 9.90 21.83 -5.64
CA THR A 73 10.34 21.47 -6.98
C THR A 73 10.35 19.95 -7.12
N MET A 74 10.57 19.46 -8.34
CA MET A 74 10.24 18.07 -8.65
C MET A 74 11.44 17.25 -9.14
N ASN A 75 12.61 17.47 -8.54
N ASN A 75 12.64 17.51 -8.61
CA ASN A 75 13.81 16.68 -8.84
CA ASN A 75 13.79 16.64 -8.87
C ASN A 75 14.15 15.88 -7.59
C ASN A 75 14.09 15.88 -7.59
N SER A 76 14.00 14.56 -7.68
CA SER A 76 14.12 13.67 -6.53
C SER A 76 15.06 12.52 -6.86
N ARG A 77 15.28 11.66 -5.86
CA ARG A 77 16.07 10.46 -6.11
C ARG A 77 15.52 9.64 -7.26
N SER A 78 14.19 9.63 -7.45
CA SER A 78 13.62 8.82 -8.52
C SER A 78 13.80 9.44 -9.89
N GLY A 79 14.17 10.71 -9.99
CA GLY A 79 14.44 11.30 -11.28
C GLY A 79 13.99 12.75 -11.34
N SER A 80 14.06 13.30 -12.55
CA SER A 80 13.83 14.73 -12.78
C SER A 80 12.35 15.01 -12.98
N GLU A 81 12.02 16.30 -13.04
CA GLU A 81 10.65 16.69 -13.37
C GLU A 81 10.25 16.15 -14.74
N THR A 82 11.16 16.25 -15.72
CA THR A 82 10.88 15.72 -17.05
C THR A 82 10.59 14.23 -16.98
N GLN A 83 11.39 13.48 -16.23
CA GLN A 83 11.16 12.04 -16.16
C GLN A 83 9.86 11.73 -15.43
N PHE A 84 9.52 12.54 -14.43
CA PHE A 84 8.24 12.36 -13.73
C PHE A 84 7.07 12.55 -14.68
N ARG A 85 7.09 13.62 -15.47
N ARG A 85 7.08 13.63 -15.46
CA ARG A 85 5.98 13.91 -16.37
CA ARG A 85 5.98 13.91 -16.36
C ARG A 85 5.91 12.90 -17.50
C ARG A 85 5.91 12.88 -17.49
N ASN A 86 7.06 12.43 -17.99
CA ASN A 86 7.05 11.34 -18.97
C ASN A 86 6.37 10.11 -18.39
N MET A 87 6.72 9.76 -17.15
CA MET A 87 6.09 8.61 -16.48
C MET A 87 4.59 8.77 -16.40
N VAL A 88 4.12 9.94 -15.93
CA VAL A 88 2.70 10.15 -15.73
C VAL A 88 1.95 10.07 -17.06
N THR A 89 2.49 10.72 -18.10
CA THR A 89 1.82 10.69 -19.40
C THR A 89 1.74 9.27 -19.95
N THR A 90 2.86 8.54 -19.92
CA THR A 90 2.87 7.19 -20.46
C THR A 90 1.93 6.27 -19.70
N CYS A 91 1.97 6.35 -18.37
CA CYS A 91 1.14 5.49 -17.56
C CYS A 91 -0.33 5.83 -17.74
N ASN A 92 -0.67 7.12 -17.69
CA ASN A 92 -2.06 7.54 -17.92
C ASN A 92 -2.55 7.06 -19.28
N ASN A 93 -1.71 7.13 -20.31
CA ASN A 93 -2.13 6.70 -21.64
C ASN A 93 -2.42 5.20 -21.66
N LEU A 94 -1.77 4.44 -20.78
CA LEU A 94 -2.03 3.01 -20.64
C LEU A 94 -3.15 2.70 -19.67
N GLY A 95 -3.75 3.70 -19.03
CA GLY A 95 -4.79 3.44 -18.06
C GLY A 95 -4.30 2.91 -16.74
N VAL A 96 -3.09 3.29 -16.34
CA VAL A 96 -2.48 2.97 -15.05
C VAL A 96 -2.11 4.30 -14.42
N TYR A 97 -2.76 4.63 -13.31
CA TYR A 97 -2.71 5.98 -12.76
C TYR A 97 -1.67 6.08 -11.65
N ILE A 98 -1.38 7.34 -11.27
CA ILE A 98 -0.25 7.67 -10.40
C ILE A 98 -0.76 8.38 -9.15
N TYR A 99 -0.38 7.86 -7.97
N TYR A 99 -0.48 7.81 -7.98
CA TYR A 99 -0.75 8.44 -6.69
CA TYR A 99 -0.75 8.45 -6.70
C TYR A 99 0.53 8.88 -5.97
C TYR A 99 0.58 8.91 -6.13
N VAL A 100 0.64 10.18 -5.73
CA VAL A 100 1.87 10.75 -5.19
C VAL A 100 1.88 10.61 -3.67
N ASP A 101 3.01 10.12 -3.12
CA ASP A 101 3.28 10.17 -1.68
C ASP A 101 3.55 11.63 -1.33
N GLY A 102 2.53 12.30 -0.78
CA GLY A 102 2.60 13.74 -0.54
C GLY A 102 2.89 14.03 0.92
N VAL A 103 4.00 14.74 1.17
CA VAL A 103 4.52 14.96 2.51
C VAL A 103 4.28 16.43 2.86
N LEU A 104 3.18 16.70 3.58
CA LEU A 104 2.72 18.06 3.85
C LEU A 104 2.83 18.45 5.32
N ASN A 105 3.09 17.53 6.23
CA ASN A 105 3.08 17.85 7.64
C ASN A 105 4.33 18.61 8.09
N HIS A 106 5.44 18.41 7.41
CA HIS A 106 6.72 18.84 7.96
C HIS A 106 7.71 19.08 6.83
N MET A 107 8.84 19.68 7.18
CA MET A 107 9.98 19.77 6.28
C MET A 107 11.08 18.82 6.76
N THR A 108 12.27 19.32 7.12
CA THR A 108 13.34 18.44 7.55
C THR A 108 13.41 18.37 9.08
N GLY A 109 14.28 17.51 9.57
CA GLY A 109 14.75 17.57 10.93
C GLY A 109 15.81 18.64 11.07
N GLY A 110 16.63 18.51 12.12
CA GLY A 110 17.65 19.51 12.38
C GLY A 110 18.82 19.40 11.41
N GLY A 111 19.72 20.38 11.51
CA GLY A 111 20.88 20.43 10.62
C GLY A 111 20.59 21.18 9.33
N SER A 112 21.64 21.33 8.53
CA SER A 112 21.54 22.08 7.28
C SER A 112 22.20 21.31 6.15
N GLY A 113 21.83 21.64 4.91
CA GLY A 113 22.38 20.94 3.77
C GLY A 113 21.76 21.40 2.47
N THR A 114 22.01 20.60 1.42
CA THR A 114 21.51 20.83 0.07
C THR A 114 20.56 19.69 -0.29
N GLY A 115 19.35 20.03 -0.74
CA GLY A 115 18.39 19.04 -1.16
C GLY A 115 18.69 18.46 -2.53
N SER A 116 17.80 17.55 -2.96
CA SER A 116 17.99 16.79 -4.18
C SER A 116 17.87 17.64 -5.44
N ASP A 117 17.49 18.92 -5.32
CA ASP A 117 17.41 19.81 -6.48
C ASP A 117 18.28 21.04 -6.28
N GLY A 118 19.26 20.95 -5.39
CA GLY A 118 20.21 22.02 -5.21
C GLY A 118 19.79 23.15 -4.30
N ASN A 119 18.61 23.09 -3.68
CA ASN A 119 18.22 24.14 -2.75
C ASN A 119 18.72 23.83 -1.34
N SER A 120 19.18 24.86 -0.66
CA SER A 120 19.61 24.67 0.71
C SER A 120 18.42 24.57 1.65
N PHE A 121 18.69 24.03 2.84
N PHE A 121 18.70 24.07 2.86
CA PHE A 121 17.74 24.06 3.95
CA PHE A 121 17.73 24.07 3.95
C PHE A 121 18.53 24.26 5.23
C PHE A 121 18.50 24.17 5.26
N ASP A 122 17.83 24.67 6.28
CA ASP A 122 18.42 24.76 7.61
C ASP A 122 17.30 24.48 8.59
N GLY A 123 17.26 23.25 9.10
CA GLY A 123 16.24 22.92 10.09
C GLY A 123 16.41 23.66 11.40
N ASP A 124 17.63 24.11 11.70
CA ASP A 124 17.84 24.81 12.96
C ASP A 124 17.28 26.23 12.92
N SER A 125 17.38 26.90 11.77
CA SER A 125 16.87 28.25 11.63
C SER A 125 15.52 28.28 10.94
N LEU A 126 14.98 27.11 10.56
CA LEU A 126 13.68 27.01 9.90
C LEU A 126 13.68 27.79 8.58
N GLN A 127 14.78 27.72 7.84
CA GLN A 127 14.93 28.42 6.56
C GLN A 127 14.90 27.42 5.42
N TYR A 128 13.91 27.56 4.55
CA TYR A 128 13.71 26.69 3.38
C TYR A 128 13.55 27.61 2.19
N PRO A 129 14.66 28.17 1.68
CA PRO A 129 14.54 29.22 0.65
C PRO A 129 13.95 28.74 -0.66
N GLY A 130 13.93 27.43 -0.91
CA GLY A 130 13.36 26.95 -2.15
C GLY A 130 11.85 26.99 -2.22
N VAL A 131 11.18 27.25 -1.11
CA VAL A 131 9.72 27.28 -1.09
C VAL A 131 9.15 28.68 -1.39
N PRO A 132 9.47 29.72 -0.57
CA PRO A 132 10.22 29.81 0.68
C PRO A 132 9.34 29.65 1.91
N TYR A 133 9.92 29.03 2.94
CA TYR A 133 9.36 28.99 4.28
C TYR A 133 10.38 29.60 5.23
N GLY A 134 9.88 30.32 6.24
CA GLY A 134 10.69 30.79 7.34
C GLY A 134 10.09 30.39 8.68
N PRO A 135 10.70 30.83 9.78
CA PRO A 135 10.19 30.46 11.11
C PRO A 135 8.71 30.74 11.30
N ASN A 136 8.17 31.80 10.70
CA ASN A 136 6.76 32.09 10.92
C ASN A 136 5.82 31.07 10.32
N ASP A 137 6.31 30.19 9.46
CA ASP A 137 5.46 29.22 8.80
C ASP A 137 5.39 27.88 9.52
N PHE A 138 6.00 27.79 10.70
CA PHE A 138 6.05 26.56 11.47
C PHE A 138 5.38 26.74 12.83
N HIS A 139 4.84 25.64 13.34
CA HIS A 139 4.53 25.58 14.76
C HIS A 139 5.80 25.73 15.58
N GLY A 140 5.66 26.22 16.79
CA GLY A 140 6.79 26.41 17.68
C GLY A 140 6.37 26.38 19.13
N SER A 141 7.15 27.06 19.98
CA SER A 141 6.92 26.99 21.42
C SER A 141 5.57 27.56 21.81
N ASP A 142 4.98 28.44 20.99
CA ASP A 142 3.62 28.89 21.26
C ASP A 142 2.59 27.80 21.07
N ASP A 143 2.90 26.79 20.27
CA ASP A 143 1.94 25.76 19.87
C ASP A 143 2.21 24.41 20.49
N CYS A 144 3.45 24.19 20.94
CA CYS A 144 3.91 22.91 21.44
C CYS A 144 4.64 23.17 22.75
N SER A 145 4.22 22.53 23.83
CA SER A 145 4.81 22.80 25.13
C SER A 145 5.68 21.67 25.66
N THR A 146 5.99 20.66 24.85
CA THR A 146 6.88 19.61 25.31
C THR A 146 8.30 20.17 25.44
N SER A 147 9.09 19.56 26.32
CA SER A 147 10.39 20.14 26.65
C SER A 147 11.36 20.07 25.48
N ASP A 148 11.31 19.01 24.68
CA ASP A 148 12.14 18.91 23.49
C ASP A 148 11.41 19.33 22.22
N GLY A 149 10.17 19.79 22.33
CA GLY A 149 9.43 20.21 21.15
C GLY A 149 8.93 19.07 20.29
N GLU A 150 9.09 17.83 20.74
CA GLU A 150 8.70 16.67 19.95
C GLU A 150 7.47 16.02 20.56
N ILE A 151 6.94 15.04 19.83
CA ILE A 151 5.72 14.35 20.23
C ILE A 151 6.07 13.19 21.15
N HIS A 152 5.36 13.08 22.26
CA HIS A 152 5.52 11.97 23.19
C HIS A 152 4.20 11.34 23.59
N ASP A 153 3.18 12.14 23.83
CA ASP A 153 1.93 11.69 24.44
C ASP A 153 0.86 11.62 23.35
N TYR A 154 0.60 10.42 22.84
CA TYR A 154 -0.41 10.23 21.81
C TYR A 154 -1.84 10.26 22.36
N ASN A 155 -2.01 10.55 23.65
CA ASN A 155 -3.32 10.87 24.22
C ASN A 155 -3.59 12.36 24.25
N ASN A 156 -2.71 13.16 23.66
CA ASN A 156 -2.87 14.62 23.63
C ASN A 156 -2.96 15.05 22.16
N PRO A 157 -4.16 15.26 21.62
CA PRO A 157 -4.27 15.58 20.19
C PRO A 157 -3.52 16.83 19.78
N THR A 158 -3.51 17.86 20.63
CA THR A 158 -2.80 19.08 20.30
C THR A 158 -1.29 18.82 20.18
N GLU A 159 -0.76 18.00 21.09
CA GLU A 159 0.66 17.64 21.01
C GLU A 159 0.95 16.84 19.75
N VAL A 160 0.11 15.86 19.46
CA VAL A 160 0.31 15.02 18.28
C VAL A 160 0.31 15.87 17.02
N ARG A 161 -0.50 16.93 16.99
N ARG A 161 -0.52 16.91 16.97
CA ARG A 161 -0.68 17.70 15.76
CA ARG A 161 -0.67 17.71 15.76
C ARG A 161 0.15 18.97 15.70
C ARG A 161 0.29 18.89 15.70
N ASN A 162 0.61 19.50 16.83
CA ASN A 162 1.38 20.74 16.82
C ASN A 162 2.85 20.57 17.19
N CYS A 163 3.25 19.44 17.76
CA CYS A 163 4.65 19.20 18.08
C CYS A 163 5.34 18.47 16.92
N ARG A 164 6.66 18.29 17.05
CA ARG A 164 7.46 17.73 15.97
C ARG A 164 7.52 16.21 16.05
N LEU A 165 7.03 15.56 14.99
CA LEU A 165 7.17 14.11 14.86
C LEU A 165 8.64 13.77 14.69
N SER A 166 9.24 13.15 15.70
CA SER A 166 10.65 12.78 15.68
C SER A 166 11.53 13.96 15.28
N GLY A 167 11.16 15.16 15.74
CA GLY A 167 11.94 16.35 15.47
C GLY A 167 11.75 16.96 14.09
N LEU A 168 10.85 16.42 13.27
CA LEU A 168 10.62 17.00 11.96
C LEU A 168 9.92 18.35 12.12
N ARG A 169 10.50 19.40 11.56
CA ARG A 169 9.96 20.74 11.77
C ARG A 169 8.53 20.81 11.26
N ASP A 170 7.61 21.23 12.12
CA ASP A 170 6.18 21.01 11.92
C ASP A 170 5.54 22.25 11.30
N LEU A 171 5.06 22.12 10.07
CA LEU A 171 4.47 23.26 9.37
C LEU A 171 3.16 23.70 10.00
N ASP A 172 2.88 25.00 9.90
CA ASP A 172 1.64 25.56 10.44
C ASP A 172 0.54 25.43 9.39
N GLY A 173 -0.15 24.28 9.41
CA GLY A 173 -1.19 24.04 8.43
C GLY A 173 -2.41 24.93 8.57
N SER A 174 -2.48 25.74 9.62
CA SER A 174 -3.60 26.66 9.80
C SER A 174 -3.41 27.96 9.05
N ALA A 175 -2.18 28.23 8.59
CA ALA A 175 -1.86 29.51 7.96
C ALA A 175 -2.22 29.48 6.48
N ASN A 176 -2.81 30.59 6.01
N ASN A 176 -2.81 30.59 6.01
CA ASN A 176 -3.22 30.67 4.60
CA ASN A 176 -3.21 30.69 4.61
C ASN A 176 -2.03 30.47 3.67
C ASN A 176 -2.03 30.48 3.68
N TYR A 177 -0.86 30.98 4.05
CA TYR A 177 0.31 30.87 3.18
C TYR A 177 0.72 29.41 2.99
N VAL A 178 0.78 28.65 4.09
CA VAL A 178 1.16 27.24 3.99
C VAL A 178 0.11 26.46 3.20
N ARG A 179 -1.16 26.71 3.46
CA ARG A 179 -2.23 26.05 2.71
C ARG A 179 -2.12 26.37 1.22
N ASP A 180 -1.84 27.63 0.89
CA ASP A 180 -1.72 28.02 -0.51
C ASP A 180 -0.51 27.35 -1.17
N VAL A 181 0.63 27.36 -0.48
CA VAL A 181 1.85 26.78 -1.05
C VAL A 181 1.65 25.29 -1.28
N GLU A 182 1.07 24.59 -0.30
CA GLU A 182 0.92 23.15 -0.42
C GLU A 182 -0.13 22.79 -1.47
N ALA A 183 -1.20 23.58 -1.57
CA ALA A 183 -2.16 23.32 -2.65
C ALA A 183 -1.56 23.60 -4.02
N GLU A 184 -0.67 24.60 -4.14
CA GLU A 184 -0.03 24.86 -5.42
C GLU A 184 0.80 23.66 -5.86
N PHE A 185 1.54 23.07 -4.91
CA PHE A 185 2.31 21.86 -5.18
C PHE A 185 1.40 20.74 -5.67
N ALA A 186 0.35 20.43 -4.90
CA ALA A 186 -0.59 19.39 -5.30
C ALA A 186 -1.23 19.69 -6.66
N ASN A 187 -1.63 20.95 -6.90
CA ASN A 187 -2.30 21.28 -8.16
C ASN A 187 -1.36 21.22 -9.35
N ARG A 188 -0.09 21.55 -9.15
N ARG A 188 -0.09 21.55 -9.14
CA ARG A 188 0.90 21.34 -10.21
CA ARG A 188 0.88 21.42 -10.21
C ARG A 188 0.94 19.88 -10.61
C ARG A 188 1.00 19.96 -10.64
N LEU A 189 1.02 18.99 -9.62
N LEU A 189 0.95 19.04 -9.68
CA LEU A 189 1.01 17.55 -9.89
CA LEU A 189 1.03 17.61 -10.00
C LEU A 189 -0.27 17.12 -10.60
C LEU A 189 -0.28 17.11 -10.61
N ILE A 190 -1.42 17.56 -10.10
CA ILE A 190 -2.69 17.22 -10.73
C ILE A 190 -2.72 17.73 -12.17
N GLY A 191 -2.20 18.93 -12.41
CA GLY A 191 -2.19 19.46 -13.77
C GLY A 191 -1.38 18.61 -14.73
N TRP A 192 -0.32 17.97 -14.23
CA TRP A 192 0.48 17.07 -15.06
C TRP A 192 -0.19 15.72 -15.29
N GLY A 193 -1.23 15.38 -14.52
CA GLY A 193 -1.93 14.12 -14.72
C GLY A 193 -1.95 13.20 -13.51
N VAL A 194 -1.40 13.61 -12.37
CA VAL A 194 -1.48 12.79 -11.17
C VAL A 194 -2.95 12.60 -10.79
N ALA A 195 -3.31 11.37 -10.40
CA ALA A 195 -4.69 11.01 -10.11
C ALA A 195 -5.05 11.15 -8.62
N GLY A 196 -4.08 11.29 -7.74
CA GLY A 196 -4.40 11.29 -6.33
C GLY A 196 -3.14 11.25 -5.50
N PHE A 197 -3.33 11.12 -4.20
CA PHE A 197 -2.24 11.24 -3.24
C PHE A 197 -2.40 10.26 -2.10
N ARG A 198 -1.28 9.67 -1.68
CA ARG A 198 -1.16 9.08 -0.36
C ARG A 198 -0.62 10.18 0.54
N LEU A 199 -1.44 10.68 1.45
CA LEU A 199 -1.02 11.83 2.26
C LEU A 199 -0.30 11.33 3.51
N ASP A 200 0.99 11.65 3.59
CA ASP A 200 1.85 11.23 4.69
C ASP A 200 1.43 11.87 6.02
N ALA A 201 1.52 11.09 7.10
CA ALA A 201 1.50 11.62 8.47
C ALA A 201 0.25 12.45 8.75
N CYS A 202 -0.90 11.99 8.24
CA CYS A 202 -2.11 12.79 8.43
C CYS A 202 -2.56 12.85 9.88
N LYS A 203 -2.21 11.84 10.68
CA LYS A 203 -2.48 11.88 12.12
C LYS A 203 -1.92 13.14 12.75
N HIS A 204 -0.84 13.67 12.18
CA HIS A 204 -0.15 14.81 12.74
C HIS A 204 -0.64 16.13 12.19
N MET A 205 -1.70 16.11 11.38
N MET A 205 -1.68 16.10 11.35
CA MET A 205 -2.28 17.33 10.86
CA MET A 205 -2.31 17.29 10.82
C MET A 205 -3.74 17.42 11.29
C MET A 205 -3.72 17.42 11.37
N TRP A 206 -4.21 18.64 11.47
CA TRP A 206 -5.62 18.86 11.86
C TRP A 206 -6.52 18.57 10.68
N PRO A 207 -7.58 17.77 10.85
CA PRO A 207 -8.53 17.55 9.75
C PRO A 207 -9.00 18.85 9.11
N GLY A 208 -9.22 19.90 9.92
CA GLY A 208 -9.65 21.17 9.35
C GLY A 208 -8.62 21.78 8.42
N ASP A 209 -7.34 21.56 8.71
CA ASP A 209 -6.29 22.06 7.82
C ASP A 209 -6.24 21.25 6.54
N LEU A 210 -6.33 19.92 6.65
CA LEU A 210 -6.47 19.09 5.45
C LEU A 210 -7.69 19.50 4.63
N GLU A 211 -8.82 19.75 5.30
CA GLU A 211 -10.02 20.16 4.57
C GLU A 211 -9.76 21.44 3.78
N ALA A 212 -9.06 22.41 4.39
CA ALA A 212 -8.80 23.67 3.71
C ALA A 212 -7.87 23.49 2.51
N ILE A 213 -6.87 22.61 2.66
CA ILE A 213 -5.97 22.32 1.55
C ILE A 213 -6.72 21.61 0.43
N LEU A 214 -7.48 20.57 0.78
N LEU A 214 -7.48 20.57 0.78
CA LEU A 214 -8.21 19.81 -0.24
CA LEU A 214 -8.21 19.81 -0.23
C LEU A 214 -9.21 20.69 -0.98
C LEU A 214 -9.22 20.68 -0.97
N GLY A 215 -9.85 21.62 -0.26
CA GLY A 215 -10.79 22.53 -0.91
C GLY A 215 -10.15 23.46 -1.92
N ARG A 216 -8.82 23.61 -1.88
CA ARG A 216 -8.09 24.39 -2.87
C ARG A 216 -7.71 23.59 -4.11
N LEU A 217 -7.91 22.27 -4.11
CA LEU A 217 -7.48 21.45 -5.22
C LEU A 217 -8.34 21.63 -6.46
N ASN A 218 -7.68 21.61 -7.61
CA ASN A 218 -8.34 21.50 -8.90
C ASN A 218 -8.77 20.07 -9.16
N GLN A 219 -9.74 19.92 -10.05
N GLN A 219 -9.73 19.91 -10.06
CA GLN A 219 -10.16 18.57 -10.41
CA GLN A 219 -10.17 18.59 -10.46
C GLN A 219 -9.21 17.99 -11.45
C GLN A 219 -9.15 17.97 -11.41
N LEU A 220 -9.33 16.69 -11.69
CA LEU A 220 -8.34 15.95 -12.47
C LEU A 220 -8.30 16.41 -13.93
N ASN A 221 -7.14 16.16 -14.56
CA ASN A 221 -6.87 16.61 -15.92
C ASN A 221 -7.72 15.85 -16.93
N THR A 222 -8.54 16.56 -17.70
CA THR A 222 -9.50 15.89 -18.57
C THR A 222 -8.89 15.38 -19.87
N GLN A 223 -7.58 15.51 -20.06
CA GLN A 223 -6.95 14.71 -21.12
C GLN A 223 -7.17 13.22 -20.87
N TRP A 224 -7.34 12.80 -19.61
CA TRP A 224 -7.49 11.40 -19.26
C TRP A 224 -8.71 11.13 -18.39
N PHE A 225 -9.06 12.07 -17.51
CA PHE A 225 -10.04 11.77 -16.49
C PHE A 225 -11.39 12.43 -16.81
N PRO A 226 -12.48 11.87 -16.31
CA PRO A 226 -13.79 12.47 -16.58
C PRO A 226 -13.86 13.88 -16.04
N ALA A 227 -14.69 14.71 -16.69
CA ALA A 227 -14.88 16.06 -16.20
C ALA A 227 -15.46 16.04 -14.79
N GLY A 228 -15.03 17.02 -13.99
CA GLY A 228 -15.55 17.16 -12.64
C GLY A 228 -15.20 16.06 -11.67
N ARG A 229 -13.99 15.50 -11.77
N ARG A 229 -14.00 15.51 -11.76
CA ARG A 229 -13.57 14.39 -10.93
CA ARG A 229 -13.57 14.39 -10.93
C ARG A 229 -12.59 14.90 -9.88
C ARG A 229 -12.58 14.89 -9.88
N ASN A 230 -12.90 14.66 -8.60
CA ASN A 230 -11.97 14.96 -7.52
C ASN A 230 -10.80 14.00 -7.55
N ALA A 231 -9.63 14.51 -7.15
CA ALA A 231 -8.49 13.64 -6.90
C ALA A 231 -8.85 12.59 -5.86
N TYR A 232 -8.14 11.45 -5.92
CA TYR A 232 -8.29 10.41 -4.93
C TYR A 232 -7.34 10.68 -3.78
N ILE A 233 -7.85 10.72 -2.56
CA ILE A 233 -7.04 11.01 -1.39
C ILE A 233 -7.19 9.86 -0.41
N TYR A 234 -6.06 9.22 -0.07
CA TYR A 234 -6.05 8.35 1.09
C TYR A 234 -4.97 8.80 2.06
N GLN A 235 -5.28 8.69 3.34
CA GLN A 235 -4.56 9.38 4.40
C GLN A 235 -3.90 8.37 5.32
N GLN A 236 -2.61 8.57 5.59
CA GLN A 236 -1.91 7.68 6.50
C GLN A 236 -2.23 8.09 7.93
N VAL A 237 -3.04 7.27 8.61
CA VAL A 237 -3.32 7.42 10.03
C VAL A 237 -3.15 6.04 10.63
N ILE A 238 -2.17 5.88 11.53
CA ILE A 238 -1.96 4.62 12.23
C ILE A 238 -2.87 4.63 13.45
N ASP A 239 -3.94 3.84 13.41
CA ASP A 239 -4.92 3.78 14.50
C ASP A 239 -5.11 2.31 14.86
N LEU A 240 -4.36 1.85 15.86
CA LEU A 240 -4.52 0.52 16.43
C LEU A 240 -5.26 0.56 17.76
N GLY A 241 -5.98 1.64 18.03
CA GLY A 241 -6.74 1.79 19.26
C GLY A 241 -5.91 2.37 20.39
N GLY A 242 -6.62 2.90 21.39
CA GLY A 242 -5.96 3.37 22.59
C GLY A 242 -5.22 4.69 22.45
N GLU A 243 -5.65 5.54 21.52
CA GLU A 243 -5.07 6.88 21.40
C GLU A 243 -6.19 7.89 21.21
N ALA A 244 -5.81 9.15 21.33
CA ALA A 244 -6.77 10.25 21.26
C ALA A 244 -7.05 10.70 19.83
N VAL A 245 -6.22 10.34 18.87
CA VAL A 245 -6.47 10.63 17.46
C VAL A 245 -6.97 9.37 16.78
N LYS A 246 -8.10 9.47 16.09
CA LYS A 246 -8.79 8.32 15.52
C LYS A 246 -8.89 8.42 13.99
N ALA A 247 -8.83 7.26 13.34
CA ALA A 247 -9.03 7.24 11.88
C ALA A 247 -10.38 7.81 11.48
N THR A 248 -11.41 7.58 12.31
CA THR A 248 -12.75 8.08 12.02
C THR A 248 -12.83 9.61 11.94
N GLU A 249 -11.80 10.32 12.44
CA GLU A 249 -11.76 11.77 12.26
C GLU A 249 -11.48 12.18 10.82
N TYR A 250 -10.88 11.29 10.03
CA TYR A 250 -10.41 11.64 8.70
C TYR A 250 -11.24 11.06 7.59
N THR A 251 -12.16 10.14 7.89
CA THR A 251 -12.87 9.46 6.82
C THR A 251 -13.82 10.40 6.06
N TYR A 252 -14.21 11.54 6.63
CA TYR A 252 -15.07 12.45 5.88
C TYR A 252 -14.33 13.14 4.75
N LEU A 253 -13.00 13.20 4.83
CA LEU A 253 -12.19 13.82 3.79
C LEU A 253 -11.86 12.87 2.66
N GLY A 254 -11.48 11.65 3.00
CA GLY A 254 -11.02 10.68 2.03
C GLY A 254 -10.82 9.35 2.72
N ARG A 255 -10.28 8.39 1.99
CA ARG A 255 -10.05 7.11 2.63
C ARG A 255 -8.88 7.21 3.63
N VAL A 256 -8.80 6.21 4.51
CA VAL A 256 -7.77 6.15 5.53
C VAL A 256 -7.09 4.80 5.50
N THR A 257 -5.76 4.79 5.63
CA THR A 257 -5.02 3.54 5.80
C THR A 257 -5.54 2.77 7.00
N GLU A 258 -5.96 1.53 6.80
CA GLU A 258 -6.47 0.71 7.91
C GLU A 258 -5.35 -0.22 8.36
N PHE A 259 -4.59 0.23 9.35
CA PHE A 259 -3.48 -0.59 9.82
C PHE A 259 -3.95 -1.80 10.63
N LYS A 260 -5.19 -1.80 11.13
CA LYS A 260 -5.67 -3.00 11.81
C LYS A 260 -5.77 -4.18 10.86
N HIS A 261 -5.98 -3.90 9.57
CA HIS A 261 -6.17 -4.95 8.58
C HIS A 261 -4.96 -5.87 8.51
N GLY A 262 -3.76 -5.29 8.32
CA GLY A 262 -2.55 -6.11 8.26
C GLY A 262 -2.15 -6.69 9.61
N GLN A 263 -2.45 -5.98 10.70
N GLN A 263 -2.45 -5.98 10.70
CA GLN A 263 -2.21 -6.52 12.03
CA GLN A 263 -2.21 -6.53 12.02
C GLN A 263 -3.05 -7.78 12.24
C GLN A 263 -3.05 -7.78 12.23
N ASN A 264 -4.34 -7.70 11.92
CA ASN A 264 -5.23 -8.83 12.14
C ASN A 264 -4.89 -9.99 11.21
N LEU A 265 -4.73 -9.73 9.91
CA LEU A 265 -4.43 -10.82 9.00
C LEU A 265 -3.06 -11.43 9.29
N GLY A 266 -2.10 -10.61 9.69
CA GLY A 266 -0.81 -11.14 10.09
C GLY A 266 -0.94 -12.08 11.28
N ASN A 267 -1.65 -11.64 12.32
CA ASN A 267 -1.83 -12.51 13.49
C ASN A 267 -2.57 -13.79 13.13
N VAL A 268 -3.59 -13.69 12.27
CA VAL A 268 -4.39 -14.88 11.95
C VAL A 268 -3.57 -15.88 11.16
N VAL A 269 -2.91 -15.44 10.08
CA VAL A 269 -2.17 -16.37 9.24
C VAL A 269 -0.96 -16.93 9.96
N ARG A 270 -0.34 -16.14 10.86
CA ARG A 270 0.72 -16.66 11.73
C ARG A 270 0.19 -17.58 12.81
N LYS A 271 -1.11 -17.62 13.03
CA LYS A 271 -1.72 -18.38 14.12
C LYS A 271 -1.17 -17.94 15.47
N ASN A 272 -0.89 -16.64 15.60
CA ASN A 272 -0.39 -16.08 16.86
C ASN A 272 -1.44 -16.18 17.95
N ASN A 273 -0.98 -16.60 19.13
N ASN A 273 -0.99 -16.59 19.14
CA ASN A 273 -1.81 -16.68 20.34
CA ASN A 273 -1.84 -16.63 20.33
C ASN A 273 -3.13 -17.37 20.06
C ASN A 273 -3.14 -17.39 20.09
N GLY A 274 -3.05 -18.51 19.38
CA GLY A 274 -4.22 -19.32 19.14
C GLY A 274 -5.23 -18.77 18.16
N GLN A 275 -4.83 -17.85 17.28
CA GLN A 275 -5.74 -17.39 16.24
C GLN A 275 -6.09 -18.53 15.28
N ARG A 276 -7.25 -18.41 14.63
CA ARG A 276 -7.74 -19.41 13.69
C ARG A 276 -8.22 -18.77 12.41
N LEU A 277 -7.86 -19.38 11.27
CA LEU A 277 -8.29 -18.86 9.98
C LEU A 277 -9.81 -18.82 9.88
N ALA A 278 -10.51 -19.76 10.52
CA ALA A 278 -11.96 -19.78 10.49
C ALA A 278 -12.58 -18.50 11.03
N ASN A 279 -11.85 -17.77 11.88
CA ASN A 279 -12.36 -16.51 12.43
C ASN A 279 -12.54 -15.44 11.35
N LEU A 280 -11.95 -15.62 10.16
CA LEU A 280 -12.10 -14.64 9.09
C LEU A 280 -13.49 -14.64 8.46
N VAL A 281 -14.42 -15.48 8.93
CA VAL A 281 -15.75 -15.55 8.35
C VAL A 281 -16.43 -14.19 8.30
N ASN A 282 -16.11 -13.30 9.22
CA ASN A 282 -16.71 -11.96 9.26
C ASN A 282 -15.65 -10.88 9.18
N PHE A 283 -14.53 -11.17 8.54
CA PHE A 283 -13.42 -10.21 8.53
C PHE A 283 -13.83 -8.90 7.86
N GLY A 284 -13.34 -7.80 8.41
CA GLY A 284 -13.65 -6.49 7.90
C GLY A 284 -14.12 -5.58 9.01
N GLU A 285 -15.17 -4.79 8.72
CA GLU A 285 -15.66 -3.84 9.71
C GLU A 285 -16.06 -4.55 11.00
N GLY A 286 -16.57 -5.79 10.88
CA GLY A 286 -16.98 -6.56 12.04
C GLY A 286 -15.86 -6.88 13.01
N TRP A 287 -14.61 -6.73 12.59
CA TRP A 287 -13.47 -6.89 13.49
C TRP A 287 -13.11 -5.60 14.22
N GLY A 288 -13.99 -4.60 14.21
CA GLY A 288 -13.64 -3.31 14.77
C GLY A 288 -12.82 -2.44 13.85
N GLN A 289 -12.85 -2.71 12.54
CA GLN A 289 -12.09 -1.95 11.56
C GLN A 289 -12.99 -0.92 10.90
N LEU A 290 -12.37 -0.05 10.10
CA LEU A 290 -13.14 0.86 9.26
C LEU A 290 -14.06 0.10 8.32
N SER A 291 -15.14 0.75 7.92
N SER A 291 -15.13 0.77 7.90
CA SER A 291 -15.93 0.24 6.81
CA SER A 291 -15.93 0.24 6.81
C SER A 291 -15.05 0.10 5.58
C SER A 291 -15.06 0.11 5.57
N GLY A 292 -15.36 -0.92 4.77
CA GLY A 292 -14.58 -1.15 3.56
C GLY A 292 -14.50 0.06 2.65
N PHE A 293 -15.60 0.82 2.54
CA PHE A 293 -15.59 2.00 1.67
C PHE A 293 -14.67 3.10 2.19
N ASP A 294 -14.34 3.08 3.48
CA ASP A 294 -13.46 4.10 4.05
C ASP A 294 -11.99 3.68 4.10
N ALA A 295 -11.68 2.44 3.72
CA ALA A 295 -10.38 1.84 4.05
C ALA A 295 -9.49 1.68 2.82
N LEU A 296 -8.20 1.95 3.03
CA LEU A 296 -7.13 1.54 2.14
C LEU A 296 -6.41 0.41 2.87
N VAL A 297 -6.36 -0.78 2.28
CA VAL A 297 -5.90 -1.96 3.01
C VAL A 297 -4.68 -2.55 2.31
N PHE A 298 -3.89 -3.28 3.10
CA PHE A 298 -2.58 -3.76 2.68
C PHE A 298 -2.04 -4.68 3.75
N ILE A 299 -1.25 -5.67 3.33
CA ILE A 299 -0.66 -6.59 4.29
C ILE A 299 0.51 -5.95 5.01
N ASP A 300 1.41 -5.29 4.28
CA ASP A 300 2.52 -4.57 4.88
C ASP A 300 2.74 -3.29 4.09
N ASN A 301 3.54 -2.38 4.65
CA ASN A 301 3.88 -1.13 3.95
C ASN A 301 5.35 -0.84 4.19
N HIS A 302 5.81 0.30 3.66
CA HIS A 302 7.25 0.58 3.68
C HIS A 302 7.79 0.79 5.08
N ASP A 303 6.93 1.17 6.04
CA ASP A 303 7.37 1.34 7.43
C ASP A 303 7.38 0.04 8.20
N ASN A 304 6.24 -0.67 8.24
CA ASN A 304 6.16 -1.78 9.17
C ASN A 304 6.88 -3.03 8.68
N GLN A 305 7.24 -3.13 7.40
CA GLN A 305 8.13 -4.22 7.01
C GLN A 305 9.53 -4.05 7.59
N ARG A 306 9.89 -2.84 8.04
N ARG A 306 9.84 -2.86 8.10
CA ARG A 306 11.20 -2.59 8.65
CA ARG A 306 11.06 -2.56 8.85
C ARG A 306 11.05 -2.02 10.05
C ARG A 306 10.83 -2.45 10.35
N GLY A 307 9.94 -2.31 10.71
N GLY A 307 9.61 -2.71 10.81
CA GLY A 307 9.74 -1.95 12.10
CA GLY A 307 9.29 -2.44 12.20
C GLY A 307 9.36 -0.51 12.37
C GLY A 307 9.15 -0.97 12.57
N HIS A 308 9.24 0.33 11.35
N HIS A 308 8.99 -0.08 11.59
CA HIS A 308 8.84 1.71 11.59
CA HIS A 308 8.75 1.33 11.87
C HIS A 308 7.32 1.81 11.73
C HIS A 308 7.25 1.59 12.00
N GLY A 309 6.90 2.75 12.56
CA GLY A 309 5.49 2.97 12.86
C GLY A 309 5.18 2.35 14.21
N ALA A 310 4.18 1.48 14.26
CA ALA A 310 3.80 0.85 15.53
C ALA A 310 4.99 0.10 16.15
N GLY A 311 5.73 -0.64 15.34
CA GLY A 311 6.94 -1.28 15.79
C GLY A 311 6.79 -2.78 15.90
N GLY A 312 7.92 -3.46 15.93
CA GLY A 312 7.92 -4.89 16.19
C GLY A 312 7.91 -5.74 14.94
N PHE A 313 8.29 -7.01 15.10
N PHE A 313 8.45 -6.93 15.08
CA PHE A 313 8.44 -7.91 13.96
CA PHE A 313 8.31 -7.98 14.11
C PHE A 313 7.71 -9.25 14.11
C PHE A 313 7.49 -9.10 14.73
N GLY A 314 6.79 -9.39 15.05
N GLY A 314 7.07 -10.04 13.91
CA GLY A 314 6.17 -10.67 15.28
CA GLY A 314 6.33 -11.18 14.42
C GLY A 314 4.72 -10.80 14.82
C GLY A 314 4.83 -11.07 14.30
N THR A 315 4.28 -9.90 13.95
CA THR A 315 2.86 -9.83 13.55
C THR A 315 2.71 -9.56 12.06
N ILE A 316 3.26 -8.43 11.59
CA ILE A 316 3.16 -8.09 10.18
C ILE A 316 3.89 -9.12 9.32
N LEU A 317 3.27 -9.49 8.21
CA LEU A 317 3.87 -10.41 7.24
C LEU A 317 4.48 -9.62 6.10
N THR A 318 5.65 -10.08 5.63
CA THR A 318 6.42 -9.40 4.57
C THR A 318 6.96 -10.46 3.62
N PHE A 319 7.65 -10.00 2.57
CA PHE A 319 8.30 -10.94 1.65
C PHE A 319 9.34 -11.83 2.33
N PHE A 320 9.83 -11.44 3.50
CA PHE A 320 10.73 -12.33 4.25
C PHE A 320 10.00 -13.55 4.79
N GLU A 321 8.68 -13.47 4.95
CA GLU A 321 7.85 -14.60 5.33
C GLU A 321 6.97 -14.96 4.14
N ALA A 322 7.61 -15.35 3.03
CA ALA A 322 6.94 -15.33 1.73
C ALA A 322 5.72 -16.24 1.67
N ASN A 323 5.80 -17.45 2.23
CA ASN A 323 4.67 -18.37 2.09
C ASN A 323 3.45 -17.84 2.83
N MET A 324 3.63 -17.42 4.09
N MET A 324 3.62 -17.42 4.09
CA MET A 324 2.52 -16.83 4.84
CA MET A 324 2.51 -16.84 4.83
C MET A 324 2.06 -15.53 4.20
C MET A 324 2.06 -15.53 4.20
N TYR A 325 3.00 -14.75 3.67
CA TYR A 325 2.67 -13.48 3.02
C TYR A 325 1.76 -13.68 1.81
N LYS A 326 2.03 -14.71 1.01
CA LYS A 326 1.16 -15.03 -0.12
C LYS A 326 -0.22 -15.49 0.34
N ILE A 327 -0.30 -16.26 1.43
CA ILE A 327 -1.60 -16.68 1.94
C ILE A 327 -2.41 -15.46 2.35
N ALA A 328 -1.80 -14.57 3.14
CA ALA A 328 -2.51 -13.38 3.60
C ALA A 328 -2.93 -12.50 2.44
N THR A 329 -2.04 -12.34 1.45
CA THR A 329 -2.39 -11.46 0.33
C THR A 329 -3.48 -12.09 -0.53
N ALA A 330 -3.42 -13.41 -0.75
CA ALA A 330 -4.46 -14.09 -1.51
C ALA A 330 -5.81 -13.92 -0.84
N PHE A 331 -5.88 -14.11 0.49
CA PHE A 331 -7.15 -13.87 1.16
C PHE A 331 -7.62 -12.43 0.94
N GLU A 332 -6.71 -11.48 1.15
CA GLU A 332 -7.08 -10.08 1.02
C GLU A 332 -7.61 -9.76 -0.37
N LEU A 333 -7.03 -10.37 -1.41
CA LEU A 333 -7.46 -10.10 -2.78
C LEU A 333 -8.76 -10.82 -3.13
N ALA A 334 -8.98 -12.00 -2.55
CA ALA A 334 -10.21 -12.74 -2.82
C ALA A 334 -11.40 -12.21 -2.03
N TRP A 335 -11.15 -11.58 -0.89
CA TRP A 335 -12.20 -11.04 -0.03
C TRP A 335 -12.76 -9.76 -0.66
N ASP A 336 -13.79 -9.21 -0.01
N ASP A 336 -13.87 -9.27 -0.10
CA ASP A 336 -14.53 -8.03 -0.47
CA ASP A 336 -14.43 -8.00 -0.54
C ASP A 336 -14.46 -6.97 0.64
C ASP A 336 -14.40 -7.06 0.66
N TYR A 337 -13.31 -6.30 0.75
CA TYR A 337 -13.11 -5.34 1.84
C TYR A 337 -11.96 -4.39 1.52
N GLY A 338 -12.27 -3.13 1.27
CA GLY A 338 -11.26 -2.09 1.19
C GLY A 338 -10.63 -1.97 -0.19
N HIS A 339 -9.96 -0.84 -0.40
CA HIS A 339 -9.16 -0.64 -1.60
C HIS A 339 -7.79 -1.27 -1.38
N VAL A 340 -7.42 -2.26 -2.18
CA VAL A 340 -6.24 -3.08 -1.90
C VAL A 340 -5.00 -2.45 -2.54
N ARG A 341 -3.96 -2.26 -1.72
CA ARG A 341 -2.63 -1.84 -2.18
C ARG A 341 -1.65 -2.97 -1.88
N LEU A 342 -0.85 -3.35 -2.88
CA LEU A 342 0.23 -4.30 -2.68
C LEU A 342 1.55 -3.56 -2.53
N MET A 343 2.30 -3.91 -1.50
CA MET A 343 3.67 -3.42 -1.35
C MET A 343 4.54 -4.04 -2.44
N SER A 344 5.52 -3.27 -2.92
CA SER A 344 6.54 -3.81 -3.82
C SER A 344 7.87 -3.30 -3.30
N SER A 345 8.76 -4.23 -2.94
CA SER A 345 9.86 -3.94 -2.04
C SER A 345 11.21 -4.13 -2.71
N TYR A 346 12.23 -3.65 -2.02
CA TYR A 346 13.59 -4.06 -2.32
C TYR A 346 14.17 -4.81 -1.13
N ASN A 347 15.19 -5.61 -1.40
CA ASN A 347 15.85 -6.38 -0.37
C ASN A 347 16.86 -5.49 0.36
N TRP A 348 17.03 -5.74 1.66
CA TRP A 348 18.06 -5.06 2.42
C TRP A 348 18.50 -5.99 3.53
N PRO A 349 19.70 -5.67 4.22
CA PRO A 349 20.20 -6.62 5.23
C PRO A 349 19.50 -6.44 6.57
N ARG A 350 18.20 -6.77 6.59
N ARG A 350 18.19 -6.75 6.59
CA ARG A 350 17.40 -6.75 7.81
CA ARG A 350 17.43 -6.65 7.83
C ARG A 350 18.14 -7.48 8.93
C ARG A 350 18.13 -7.45 8.92
N ASN A 351 18.35 -6.79 10.05
CA ASN A 351 19.21 -7.30 11.13
C ASN A 351 18.54 -6.96 12.46
N ILE A 352 17.68 -7.87 12.94
CA ILE A 352 16.86 -7.58 14.11
C ILE A 352 17.67 -7.88 15.37
N VAL A 353 17.86 -6.86 16.20
CA VAL A 353 18.58 -6.98 17.46
C VAL A 353 17.73 -6.31 18.53
N ASN A 354 17.38 -7.07 19.56
CA ASN A 354 16.52 -6.57 20.63
C ASN A 354 15.25 -5.95 20.04
N GLY A 355 14.71 -6.61 19.02
CA GLY A 355 13.43 -6.24 18.45
C GLY A 355 13.45 -5.09 17.47
N VAL A 356 14.62 -4.59 17.10
CA VAL A 356 14.75 -3.46 16.19
C VAL A 356 15.72 -3.85 15.08
N ASP A 357 15.38 -3.49 13.84
CA ASP A 357 16.27 -3.72 12.71
C ASP A 357 17.35 -2.65 12.70
N THR A 358 18.61 -3.05 12.94
CA THR A 358 19.69 -2.07 12.99
C THR A 358 19.95 -1.44 11.64
N ASN A 359 19.55 -2.10 10.56
CA ASN A 359 19.76 -1.63 9.20
C ASN A 359 18.46 -1.18 8.56
N ASP A 360 17.51 -0.74 9.38
CA ASP A 360 16.22 -0.29 8.87
C ASP A 360 16.32 1.00 8.06
N TRP A 361 17.50 1.63 8.02
CA TRP A 361 17.69 2.85 7.25
C TRP A 361 18.09 2.60 5.81
N VAL A 362 18.55 1.39 5.48
CA VAL A 362 19.20 1.17 4.19
C VAL A 362 18.26 1.50 3.04
N GLY A 363 18.77 2.27 2.09
CA GLY A 363 18.01 2.71 0.94
C GLY A 363 17.95 1.67 -0.16
N PRO A 364 17.41 2.04 -1.31
CA PRO A 364 17.19 1.08 -2.39
C PRO A 364 18.49 0.64 -3.02
N PRO A 365 18.45 -0.40 -3.87
CA PRO A 365 19.66 -0.84 -4.57
C PRO A 365 20.37 0.31 -5.26
N THR A 366 21.68 0.40 -5.05
CA THR A 366 22.40 1.59 -5.44
C THR A 366 23.83 1.21 -5.82
N ASN A 367 24.40 1.99 -6.75
CA ASN A 367 25.82 1.90 -7.11
C ASN A 367 26.66 2.96 -6.41
N GLY A 368 26.04 3.78 -5.57
CA GLY A 368 26.73 4.84 -4.86
C GLY A 368 26.21 6.22 -5.23
N GLY A 369 26.66 7.20 -4.47
CA GLY A 369 26.33 8.57 -4.76
C GLY A 369 24.86 8.91 -4.58
N GLY A 370 24.09 8.01 -3.97
CA GLY A 370 22.67 8.24 -3.83
C GLY A 370 21.85 7.92 -5.06
N ASP A 371 22.44 7.27 -6.07
N ASP A 371 22.45 7.27 -6.06
CA ASP A 371 21.64 6.89 -7.21
CA ASP A 371 21.67 6.85 -7.22
C ASP A 371 20.82 5.64 -6.86
C ASP A 371 20.85 5.61 -6.88
N THR A 372 19.92 5.28 -7.76
CA THR A 372 19.12 4.08 -7.64
C THR A 372 19.36 3.27 -8.90
N LYS A 373 19.60 1.98 -8.73
N LYS A 373 19.60 1.97 -8.71
CA LYS A 373 19.85 1.11 -9.87
CA LYS A 373 19.75 1.07 -9.84
C LYS A 373 18.56 0.79 -10.61
C LYS A 373 18.49 1.01 -10.67
N ASP A 374 18.67 0.62 -11.94
CA ASP A 374 17.55 0.15 -12.74
C ASP A 374 16.99 -1.11 -12.11
N VAL A 375 15.66 -1.21 -12.09
CA VAL A 375 15.00 -2.39 -11.54
C VAL A 375 15.30 -3.61 -12.41
N GLU A 376 15.64 -4.71 -11.75
CA GLU A 376 15.66 -6.03 -12.37
C GLU A 376 14.94 -6.98 -11.41
N CYS A 377 13.71 -7.33 -11.72
CA CYS A 377 12.92 -8.11 -10.78
C CYS A 377 13.54 -9.47 -10.51
N PHE A 378 13.46 -9.91 -9.26
CA PHE A 378 13.82 -11.25 -8.80
C PHE A 378 15.33 -11.48 -8.80
N ASN A 379 16.13 -10.43 -8.86
CA ASN A 379 17.58 -10.58 -8.88
C ASN A 379 18.21 -10.59 -7.49
N GLY A 380 17.40 -10.77 -6.44
CA GLY A 380 17.89 -10.69 -5.08
C GLY A 380 17.97 -9.29 -4.52
N GLU A 381 17.75 -8.27 -5.35
CA GLU A 381 17.71 -6.89 -4.89
C GLU A 381 16.33 -6.27 -4.98
N TRP A 382 15.63 -6.50 -6.09
CA TRP A 382 14.25 -6.02 -6.26
C TRP A 382 13.30 -7.19 -6.09
N ILE A 383 12.38 -7.08 -5.14
CA ILE A 383 11.52 -8.21 -4.79
C ILE A 383 10.37 -8.36 -5.79
N CYS A 384 9.78 -7.24 -6.20
CA CYS A 384 8.70 -7.20 -7.19
C CYS A 384 7.53 -8.12 -6.82
N GLU A 385 7.05 -8.00 -5.59
CA GLU A 385 5.91 -8.80 -5.15
C GLU A 385 4.76 -8.75 -6.14
N HIS A 386 4.53 -7.59 -6.76
CA HIS A 386 3.40 -7.46 -7.67
C HIS A 386 3.55 -8.32 -8.92
N ARG A 387 4.77 -8.79 -9.21
N ARG A 387 4.77 -8.77 -9.23
CA ARG A 387 5.06 -9.66 -10.34
CA ARG A 387 5.03 -9.66 -10.36
C ARG A 387 5.07 -11.13 -9.98
C ARG A 387 5.12 -11.13 -9.97
N TRP A 388 4.92 -11.47 -8.70
CA TRP A 388 4.84 -12.87 -8.32
C TRP A 388 3.55 -13.45 -8.88
N ARG A 389 3.64 -14.64 -9.48
CA ARG A 389 2.46 -15.24 -10.08
C ARG A 389 1.33 -15.35 -9.07
N GLU A 390 1.63 -15.77 -7.84
CA GLU A 390 0.56 -15.93 -6.87
C GLU A 390 -0.14 -14.61 -6.59
N MET A 391 0.59 -13.49 -6.66
N MET A 391 0.59 -13.50 -6.69
CA MET A 391 -0.04 -12.19 -6.50
CA MET A 391 -0.01 -12.18 -6.49
C MET A 391 -0.85 -11.81 -7.73
C MET A 391 -0.83 -11.76 -7.71
N TYR A 392 -0.21 -11.75 -8.90
CA TYR A 392 -0.92 -11.20 -10.04
C TYR A 392 -2.04 -12.12 -10.53
N ASN A 393 -1.93 -13.43 -10.29
CA ASN A 393 -3.08 -14.28 -10.63
C ASN A 393 -4.23 -14.09 -9.65
N MET A 394 -3.93 -13.75 -8.39
CA MET A 394 -5.00 -13.39 -7.48
C MET A 394 -5.53 -11.98 -7.73
N VAL A 395 -4.73 -11.11 -8.34
CA VAL A 395 -5.28 -9.85 -8.82
C VAL A 395 -6.29 -10.10 -9.94
N ARG A 396 -5.96 -11.00 -10.87
CA ARG A 396 -6.93 -11.38 -11.89
C ARG A 396 -8.17 -12.02 -11.28
N PHE A 397 -7.99 -12.93 -10.30
CA PHE A 397 -9.13 -13.47 -9.55
C PHE A 397 -9.98 -12.34 -8.99
N HIS A 398 -9.32 -11.43 -8.26
CA HIS A 398 -9.98 -10.27 -7.67
C HIS A 398 -10.76 -9.47 -8.72
N ASN A 399 -10.15 -9.28 -9.89
CA ASN A 399 -10.79 -8.48 -10.94
C ASN A 399 -12.03 -9.17 -11.48
N VAL A 400 -11.94 -10.47 -11.77
N VAL A 400 -11.96 -10.47 -11.76
CA VAL A 400 -13.11 -11.21 -12.25
CA VAL A 400 -13.14 -11.14 -12.29
C VAL A 400 -14.23 -11.15 -11.22
C VAL A 400 -14.24 -11.26 -11.23
N ALA A 401 -13.87 -11.17 -9.94
CA ALA A 401 -14.85 -11.22 -8.86
C ALA A 401 -15.49 -9.87 -8.53
N ILE A 402 -15.00 -8.77 -9.13
N ILE A 402 -15.00 -8.77 -9.13
CA ILE A 402 -15.47 -7.43 -8.79
CA ILE A 402 -15.49 -7.43 -8.82
C ILE A 402 -16.99 -7.36 -8.87
C ILE A 402 -17.01 -7.39 -8.86
N GLY A 403 -17.61 -6.84 -7.82
CA GLY A 403 -19.06 -6.67 -7.78
C GLY A 403 -19.83 -7.87 -7.28
N ASN A 404 -19.15 -8.97 -6.99
CA ASN A 404 -19.85 -10.11 -6.44
C ASN A 404 -19.58 -10.22 -4.94
N PRO A 405 -20.59 -10.56 -4.15
CA PRO A 405 -20.37 -10.71 -2.71
C PRO A 405 -19.68 -12.03 -2.40
N VAL A 406 -19.22 -12.14 -1.16
CA VAL A 406 -18.70 -13.41 -0.67
C VAL A 406 -19.86 -14.40 -0.59
N SER A 407 -19.63 -15.61 -1.07
N SER A 407 -19.63 -15.60 -1.12
CA SER A 407 -20.67 -16.62 -1.08
CA SER A 407 -20.64 -16.66 -1.19
C SER A 407 -20.06 -17.99 -0.83
C SER A 407 -20.04 -17.97 -0.71
N ASN A 408 -20.91 -18.92 -0.41
CA ASN A 408 -20.52 -20.32 -0.19
C ASN A 408 -19.35 -20.45 0.78
N TRP A 409 -19.39 -19.67 1.86
CA TRP A 409 -18.38 -19.80 2.90
C TRP A 409 -18.40 -21.19 3.51
N TRP A 410 -17.21 -21.72 3.77
CA TRP A 410 -17.00 -22.96 4.49
C TRP A 410 -15.76 -22.81 5.34
N ASP A 411 -15.81 -23.39 6.53
N ASP A 411 -15.72 -23.48 6.49
CA ASP A 411 -14.64 -23.52 7.38
CA ASP A 411 -14.46 -23.59 7.22
C ASP A 411 -14.80 -24.80 8.17
C ASP A 411 -14.44 -24.89 8.01
N ASN A 412 -13.67 -25.40 8.55
N ASN A 412 -13.25 -25.25 8.50
CA ASN A 412 -13.66 -26.61 9.34
CA ASN A 412 -13.07 -26.47 9.29
C ASN A 412 -13.55 -26.33 10.83
C ASN A 412 -13.00 -26.18 10.79
N GLY A 413 -13.60 -25.06 11.23
CA GLY A 413 -13.51 -24.67 12.62
C GLY A 413 -12.14 -24.17 13.05
N PHE A 414 -11.10 -24.42 12.25
CA PHE A 414 -9.76 -24.07 12.67
C PHE A 414 -8.96 -23.33 11.59
N GLN A 415 -8.09 -24.02 10.85
N GLN A 415 -8.09 -24.02 10.85
CA GLN A 415 -7.15 -23.34 9.98
CA GLN A 415 -7.15 -23.33 9.98
C GLN A 415 -7.39 -23.60 8.49
C GLN A 415 -7.39 -23.59 8.49
N ALA A 416 -8.59 -24.01 8.11
CA ALA A 416 -8.96 -24.14 6.71
C ALA A 416 -10.25 -23.40 6.45
N ILE A 417 -10.28 -22.60 5.38
CA ILE A 417 -11.50 -21.91 4.95
C ILE A 417 -11.61 -22.02 3.44
N ALA A 418 -12.82 -21.73 2.95
CA ALA A 418 -13.05 -21.66 1.52
C ALA A 418 -14.26 -20.77 1.30
N PHE A 419 -14.28 -20.06 0.18
CA PHE A 419 -15.42 -19.21 -0.13
C PHE A 419 -15.34 -18.81 -1.59
N GLY A 420 -16.50 -18.40 -2.12
CA GLY A 420 -16.60 -17.96 -3.48
C GLY A 420 -16.93 -16.47 -3.56
N ARG A 421 -16.93 -15.97 -4.79
CA ARG A 421 -17.39 -14.63 -5.09
C ARG A 421 -18.47 -14.79 -6.15
N GLY A 422 -19.72 -14.82 -5.73
CA GLY A 422 -20.82 -15.09 -6.64
C GLY A 422 -20.55 -16.36 -7.43
N ASN A 423 -20.78 -16.29 -8.74
CA ASN A 423 -20.52 -17.42 -9.62
C ASN A 423 -19.24 -17.21 -10.43
N ARG A 424 -18.31 -16.39 -9.92
CA ARG A 424 -17.12 -15.99 -10.67
C ARG A 424 -15.84 -16.68 -10.22
N GLY A 425 -15.66 -16.91 -8.92
CA GLY A 425 -14.42 -17.50 -8.44
C GLY A 425 -14.63 -18.15 -7.10
N PHE A 426 -13.70 -19.04 -6.75
CA PHE A 426 -13.74 -19.79 -5.50
C PHE A 426 -12.31 -20.07 -5.06
N ILE A 427 -12.04 -19.95 -3.77
CA ILE A 427 -10.70 -20.18 -3.25
C ILE A 427 -10.79 -21.06 -2.01
N PHE A 428 -9.84 -21.98 -1.89
CA PHE A 428 -9.72 -22.88 -0.75
C PHE A 428 -8.35 -22.64 -0.14
N ILE A 429 -8.30 -22.32 1.15
CA ILE A 429 -7.04 -22.01 1.82
C ILE A 429 -6.86 -23.00 2.94
N ASN A 430 -5.79 -23.78 2.89
N ASN A 430 -5.81 -23.80 2.86
CA ASN A 430 -5.51 -24.78 3.91
CA ASN A 430 -5.47 -24.78 3.90
C ASN A 430 -4.27 -24.33 4.69
C ASN A 430 -4.26 -24.26 4.65
N ASN A 431 -4.49 -23.71 5.84
CA ASN A 431 -3.39 -23.30 6.69
C ASN A 431 -3.16 -24.28 7.84
N GLU A 432 -3.64 -25.52 7.69
N GLU A 432 -3.63 -25.52 7.68
CA GLU A 432 -3.37 -26.59 8.65
CA GLU A 432 -3.34 -26.57 8.64
C GLU A 432 -2.04 -27.27 8.32
C GLU A 432 -1.94 -27.14 8.39
N ASP A 433 -1.52 -28.04 9.27
CA ASP A 433 -0.30 -28.81 9.07
C ASP A 433 -0.60 -30.20 8.53
N PHE A 434 -1.68 -30.35 7.79
N PHE A 434 -1.69 -30.35 7.80
CA PHE A 434 -2.02 -31.62 7.16
CA PHE A 434 -2.10 -31.62 7.24
C PHE A 434 -2.75 -31.32 5.86
C PHE A 434 -2.98 -31.36 6.03
N ALA A 435 -3.00 -32.36 5.09
N ALA A 435 -2.96 -32.31 5.10
CA ALA A 435 -3.67 -32.24 3.80
CA ALA A 435 -3.66 -32.17 3.83
C ALA A 435 -5.16 -32.46 3.96
C ALA A 435 -5.16 -32.39 4.01
N ILE A 436 -5.93 -31.84 3.07
CA ILE A 436 -7.39 -31.93 3.11
C ILE A 436 -7.92 -32.36 1.75
N THR A 437 -8.95 -33.22 1.76
CA THR A 437 -9.72 -33.54 0.59
C THR A 437 -11.17 -33.22 0.93
N GLN A 438 -11.72 -32.22 0.26
CA GLN A 438 -13.04 -31.72 0.63
C GLN A 438 -13.82 -31.38 -0.62
N THR A 439 -15.03 -31.93 -0.73
CA THR A 439 -15.96 -31.50 -1.77
C THR A 439 -16.81 -30.37 -1.22
N LEU A 440 -16.91 -29.28 -1.98
CA LEU A 440 -17.63 -28.09 -1.57
C LEU A 440 -18.42 -27.55 -2.74
N GLN A 441 -19.58 -26.97 -2.43
CA GLN A 441 -20.29 -26.14 -3.38
C GLN A 441 -19.46 -24.90 -3.70
N THR A 442 -19.09 -24.75 -4.98
CA THR A 442 -18.26 -23.63 -5.41
C THR A 442 -19.07 -22.46 -5.96
N GLY A 443 -20.33 -22.67 -6.32
CA GLY A 443 -21.10 -21.66 -7.00
C GLY A 443 -20.74 -21.43 -8.45
N LEU A 444 -19.71 -22.15 -9.00
CA LEU A 444 -19.22 -21.97 -10.36
C LEU A 444 -19.90 -22.93 -11.32
N PRO A 445 -19.98 -22.55 -12.61
CA PRO A 445 -20.51 -23.49 -13.61
C PRO A 445 -19.63 -24.73 -13.74
N GLY A 446 -20.26 -25.85 -14.04
CA GLY A 446 -19.51 -27.08 -14.20
C GLY A 446 -18.49 -26.97 -15.32
N GLY A 447 -17.35 -27.61 -15.14
CA GLY A 447 -16.30 -27.54 -16.13
C GLY A 447 -14.94 -27.83 -15.52
N GLU A 448 -13.91 -27.69 -16.35
N GLU A 448 -13.91 -27.67 -16.34
CA GLU A 448 -12.53 -27.93 -15.96
CA GLU A 448 -12.54 -27.95 -15.93
C GLU A 448 -11.85 -26.61 -15.66
C GLU A 448 -11.81 -26.64 -15.68
N TYR A 449 -11.27 -26.50 -14.48
CA TYR A 449 -10.59 -25.28 -14.05
C TYR A 449 -9.16 -25.58 -13.64
N CYS A 450 -8.29 -24.58 -13.79
CA CYS A 450 -6.92 -24.68 -13.31
C CYS A 450 -6.75 -23.87 -12.02
N ASP A 451 -5.93 -24.41 -11.11
CA ASP A 451 -5.51 -23.67 -9.92
C ASP A 451 -4.61 -22.50 -10.35
N VAL A 452 -5.10 -21.26 -10.21
CA VAL A 452 -4.31 -20.13 -10.68
C VAL A 452 -3.22 -19.74 -9.69
N ILE A 453 -3.20 -20.34 -8.50
CA ILE A 453 -2.07 -20.14 -7.61
C ILE A 453 -0.83 -20.81 -8.19
N SER A 454 -0.97 -22.03 -8.69
CA SER A 454 0.17 -22.79 -9.22
C SER A 454 0.28 -22.77 -10.74
N CYS A 455 -0.80 -22.52 -11.45
CA CYS A 455 -0.82 -22.58 -12.91
C CYS A 455 -0.92 -21.18 -13.50
N ASP A 456 -0.64 -21.10 -14.80
CA ASP A 456 -0.62 -19.81 -15.49
C ASP A 456 -2.01 -19.37 -15.88
N ASN A 457 -2.85 -20.30 -16.34
CA ASN A 457 -4.14 -19.98 -16.93
C ASN A 457 -5.27 -20.49 -16.04
N ASN A 458 -6.48 -20.02 -16.31
CA ASN A 458 -7.62 -20.44 -15.50
C ASN A 458 -8.33 -21.67 -16.05
N ARG A 459 -8.05 -22.06 -17.29
CA ARG A 459 -8.66 -23.20 -17.97
C ARG A 459 -7.56 -23.96 -18.70
N PRO A 460 -7.71 -25.28 -18.88
CA PRO A 460 -6.71 -26.04 -19.63
C PRO A 460 -6.57 -25.53 -21.06
N PRO A 461 -5.34 -25.51 -21.62
CA PRO A 461 -4.10 -25.96 -20.97
C PRO A 461 -3.69 -25.03 -19.84
N CYS A 462 -3.34 -25.60 -18.69
CA CYS A 462 -3.20 -24.79 -17.47
C CYS A 462 -1.92 -23.96 -17.47
N GLY A 463 -0.87 -24.42 -18.12
CA GLY A 463 0.37 -23.67 -18.13
C GLY A 463 1.20 -23.91 -16.88
N ASN A 464 2.45 -24.31 -17.07
CA ASN A 464 3.30 -24.79 -15.98
C ASN A 464 4.58 -23.97 -15.88
N SER A 465 4.51 -22.67 -16.14
CA SER A 465 5.73 -21.85 -16.13
C SER A 465 6.41 -21.86 -14.77
N GLY A 466 5.66 -22.08 -13.70
CA GLY A 466 6.22 -22.19 -12.37
C GLY A 466 6.70 -23.56 -11.98
N GLY A 467 6.37 -24.59 -12.76
CA GLY A 467 6.87 -25.94 -12.53
C GLY A 467 6.03 -26.79 -11.59
N ALA A 468 5.09 -26.22 -10.86
CA ALA A 468 4.32 -26.99 -9.90
C ALA A 468 2.81 -26.83 -10.12
N CYS A 469 2.39 -26.61 -11.36
CA CYS A 469 0.97 -26.45 -11.67
C CYS A 469 0.21 -27.72 -11.30
N ARG A 470 -0.83 -27.56 -10.49
N ARG A 470 -0.82 -27.56 -10.48
CA ARG A 470 -1.55 -28.69 -9.92
CA ARG A 470 -1.53 -28.72 -9.93
C ARG A 470 -2.50 -29.31 -10.95
C ARG A 470 -2.47 -29.33 -10.96
N ALA A 471 -2.96 -30.51 -10.63
CA ALA A 471 -3.96 -31.17 -11.46
C ALA A 471 -5.21 -30.30 -11.57
N THR A 472 -5.86 -30.38 -12.73
CA THR A 472 -7.03 -29.55 -12.96
C THR A 472 -8.14 -29.91 -12.00
N VAL A 473 -8.94 -28.92 -11.64
CA VAL A 473 -10.05 -29.07 -10.71
C VAL A 473 -11.33 -29.23 -11.53
N ILE A 474 -12.09 -30.27 -11.24
CA ILE A 474 -13.35 -30.52 -11.94
C ILE A 474 -14.49 -30.01 -11.08
N VAL A 475 -15.24 -29.05 -11.60
CA VAL A 475 -16.51 -28.65 -10.99
C VAL A 475 -17.60 -29.49 -11.62
N ASN A 476 -18.27 -30.31 -10.81
CA ASN A 476 -19.35 -31.15 -11.29
C ASN A 476 -20.54 -30.30 -11.74
N GLY A 477 -21.51 -30.96 -12.37
CA GLY A 477 -22.69 -30.26 -12.85
C GLY A 477 -23.47 -29.57 -11.75
N ASP A 478 -23.39 -30.10 -10.53
CA ASP A 478 -24.09 -29.51 -9.38
C ASP A 478 -23.32 -28.36 -8.75
N GLY A 479 -22.19 -27.96 -9.33
CA GLY A 479 -21.39 -26.90 -8.77
C GLY A 479 -20.42 -27.32 -7.68
N THR A 480 -20.43 -28.58 -7.26
CA THR A 480 -19.43 -28.99 -6.30
C THR A 480 -18.12 -29.33 -7.00
N ALA A 481 -17.03 -29.22 -6.24
CA ALA A 481 -15.73 -29.65 -6.69
C ALA A 481 -15.03 -30.26 -5.50
N THR A 482 -14.19 -31.25 -5.78
CA THR A 482 -13.39 -31.88 -4.75
C THR A 482 -12.02 -31.22 -4.76
N PHE A 483 -11.67 -30.59 -3.65
CA PHE A 483 -10.40 -29.89 -3.50
C PHE A 483 -9.43 -30.77 -2.75
N ASP A 484 -8.29 -31.09 -3.38
N ASP A 484 -8.29 -31.06 -3.36
CA ASP A 484 -7.18 -31.80 -2.76
CA ASP A 484 -7.20 -31.81 -2.71
C ASP A 484 -6.10 -30.76 -2.51
C ASP A 484 -6.08 -30.82 -2.49
N VAL A 485 -5.96 -30.32 -1.27
CA VAL A 485 -5.02 -29.26 -0.93
C VAL A 485 -4.05 -29.77 0.12
N PRO A 486 -2.83 -30.10 -0.27
CA PRO A 486 -1.80 -30.43 0.72
C PRO A 486 -1.35 -29.20 1.48
N ASN A 487 -0.93 -29.43 2.72
CA ASN A 487 -0.29 -28.38 3.51
C ASN A 487 1.10 -28.12 2.95
N GLY A 488 1.67 -26.98 3.33
CA GLY A 488 3.03 -26.62 2.94
C GLY A 488 3.05 -25.37 2.07
N GLU A 489 3.88 -25.42 1.02
N GLU A 489 3.88 -25.42 1.02
CA GLU A 489 4.03 -24.26 0.15
CA GLU A 489 4.04 -24.25 0.17
C GLU A 489 2.80 -24.06 -0.72
C GLU A 489 2.83 -24.05 -0.73
N ASN A 490 2.39 -22.79 -0.86
CA ASN A 490 1.20 -22.42 -1.61
C ASN A 490 0.03 -23.34 -1.33
N PRO A 491 -0.37 -23.53 -0.01
CA PRO A 491 -1.42 -24.50 0.36
C PRO A 491 -2.82 -23.95 0.11
N MET A 492 -3.09 -23.59 -1.14
N MET A 492 -3.06 -23.54 -1.14
CA MET A 492 -4.35 -22.94 -1.48
CA MET A 492 -4.28 -22.89 -1.55
C MET A 492 -4.62 -23.13 -2.95
C MET A 492 -4.61 -23.33 -2.97
N ILE A 493 -5.89 -23.33 -3.30
CA ILE A 493 -6.33 -23.52 -4.67
C ILE A 493 -7.35 -22.44 -4.97
N ALA A 494 -7.17 -21.72 -6.08
CA ALA A 494 -8.10 -20.69 -6.50
C ALA A 494 -8.50 -20.96 -7.93
N ILE A 495 -9.80 -20.94 -8.20
CA ILE A 495 -10.32 -21.16 -9.55
C ILE A 495 -11.31 -20.07 -9.89
N HIS A 496 -11.41 -19.74 -11.17
CA HIS A 496 -12.33 -18.67 -11.55
C HIS A 496 -12.63 -18.76 -13.04
N VAL A 497 -13.72 -18.11 -13.43
CA VAL A 497 -14.10 -18.02 -14.83
C VAL A 497 -13.37 -16.86 -15.50
N PHE A 498 -13.57 -16.73 -16.80
CA PHE A 498 -13.05 -15.66 -17.64
C PHE A 498 -13.96 -14.43 -17.64
N LEU A 499 -13.39 -13.29 -18.01
CA LEU A 499 -14.14 -12.04 -18.08
C LEU A 499 -15.17 -12.04 -19.22
#